data_5CAG
#
_entry.id   5CAG
#
_cell.length_a   98.391
_cell.length_b   98.391
_cell.length_c   217.037
_cell.angle_alpha   90.000
_cell.angle_beta   90.000
_cell.angle_gamma   120.000
#
_symmetry.space_group_name_H-M   'P 65 2 2'
#
loop_
_entity.id
_entity.type
_entity.pdbx_description
1 polymer 'Uncharacterized protein'
2 non-polymer 'SULFATE ION'
#
_entity_poly.entity_id   1
_entity_poly.type   'polypeptide(L)'
_entity_poly.pdbx_seq_one_letter_code
;G(MSE)LTGCSRRDILDDYPVSGVDIKLDWDGVTDQLPEGVRVIFYPKNGDGRKVDKYLSVRGGE(MSE)KVPPGRYSVV
VYNYNTESIRIRGEESYETIEAYTGNCNGLGIEGTEK(MSE)VWSPDSLYVLNIDELKIEKSEEVLRLDWKLESVVKKYS
FAVEAKGLEYVATVVGSIDGLSDCYCIGKGRGVCSSQPIYFEVKKGDNKVTAFFTAFKQVKE(MSE)T(MSE)PTR
(MSE)STSERETSSEKGAIILILKFIKTDNTVQEATIDVTEIIGTLENAGTGEDGKPTPPPEIELPPDDKIEVDKPETPP
NPDGGGG(MSE)GGNVDGWGPEDNVELPVN
;
_entity_poly.pdbx_strand_id   A
#
loop_
_chem_comp.id
_chem_comp.type
_chem_comp.name
_chem_comp.formula
SO4 non-polymer 'SULFATE ION' 'O4 S -2'
#
# COMPACT_ATOMS: atom_id res chain seq x y z
N GLY A 1 -4.44 20.89 -14.53
CA GLY A 1 -3.36 20.51 -13.63
C GLY A 1 -2.64 21.68 -12.99
N MSE A 2 -2.13 21.46 -11.75
CA MSE A 2 -1.36 22.41 -10.94
C MSE A 2 -0.10 21.71 -10.41
O MSE A 2 -0.20 20.62 -9.81
CB MSE A 2 -2.21 23.02 -9.80
CG MSE A 2 -1.42 23.81 -8.74
SE MSE A 2 -0.95 25.63 -9.24
CE MSE A 2 -2.72 26.48 -9.16
N LEU A 3 1.08 22.32 -10.62
CA LEU A 3 2.38 21.75 -10.23
C LEU A 3 2.97 22.51 -9.03
N THR A 4 3.78 21.81 -8.21
CA THR A 4 4.45 22.35 -7.03
C THR A 4 5.96 22.35 -7.28
N GLY A 5 6.51 23.54 -7.37
CA GLY A 5 7.92 23.73 -7.61
C GLY A 5 8.68 23.80 -6.31
N CYS A 6 9.95 23.38 -6.37
CA CYS A 6 10.91 23.36 -5.27
C CYS A 6 12.34 23.69 -5.80
N SER A 7 13.29 23.98 -4.89
CA SER A 7 14.68 24.27 -5.25
C SER A 7 15.62 23.42 -4.37
N ARG A 8 16.93 23.40 -4.71
CA ARG A 8 17.94 22.64 -3.96
C ARG A 8 18.36 23.47 -2.74
N ARG A 9 19.00 22.81 -1.74
CA ARG A 9 19.47 23.48 -0.53
C ARG A 9 20.54 24.52 -0.91
N ASP A 10 20.28 25.80 -0.53
CA ASP A 10 21.11 26.98 -0.85
C ASP A 10 22.44 27.02 -0.08
N ILE A 11 22.51 26.39 1.13
CA ILE A 11 23.73 26.29 1.97
C ILE A 11 24.02 24.73 2.14
N LEU A 12 24.07 24.05 0.97
CA LEU A 12 24.42 22.64 0.68
C LEU A 12 25.71 22.67 -0.18
N ASP A 13 25.90 23.84 -0.86
CA ASP A 13 27.01 24.25 -1.73
C ASP A 13 27.99 25.19 -0.95
N ASP A 14 27.45 26.00 0.02
CA ASP A 14 28.21 26.94 0.87
C ASP A 14 28.79 26.21 2.12
N TYR A 15 28.00 25.28 2.70
CA TYR A 15 28.38 24.45 3.85
C TYR A 15 28.98 23.12 3.36
N PRO A 16 30.04 22.58 4.03
CA PRO A 16 30.66 21.31 3.57
C PRO A 16 29.70 20.09 3.58
N VAL A 17 29.80 19.23 2.54
CA VAL A 17 28.95 18.05 2.40
C VAL A 17 29.75 16.80 2.06
N SER A 18 29.68 15.82 2.97
CA SER A 18 30.27 14.51 2.77
C SER A 18 29.20 13.69 2.06
N GLY A 19 29.27 13.64 0.73
CA GLY A 19 28.29 12.94 -0.09
C GLY A 19 28.14 11.46 0.21
N VAL A 20 26.96 10.91 -0.11
CA VAL A 20 26.68 9.48 0.07
C VAL A 20 26.43 8.85 -1.31
N ASP A 21 26.60 7.53 -1.39
CA ASP A 21 26.40 6.77 -2.62
C ASP A 21 25.50 5.58 -2.30
N ILE A 22 24.24 5.68 -2.73
CA ILE A 22 23.25 4.65 -2.52
C ILE A 22 23.22 3.71 -3.71
N LYS A 23 23.35 2.40 -3.42
CA LYS A 23 23.19 1.33 -4.40
C LYS A 23 21.95 0.54 -4.00
N LEU A 24 21.04 0.33 -4.94
CA LEU A 24 19.80 -0.40 -4.67
C LEU A 24 19.79 -1.72 -5.38
N ASP A 25 19.48 -2.78 -4.63
CA ASP A 25 19.36 -4.13 -5.15
C ASP A 25 17.90 -4.44 -5.21
N TRP A 26 17.49 -5.09 -6.31
CA TRP A 26 16.08 -5.40 -6.50
C TRP A 26 15.92 -6.89 -6.69
N ASP A 27 17.00 -7.66 -6.44
CA ASP A 27 16.99 -9.12 -6.57
C ASP A 27 16.01 -9.70 -5.58
N GLY A 28 14.96 -10.30 -6.14
CA GLY A 28 13.89 -10.94 -5.35
C GLY A 28 12.92 -9.98 -4.70
N VAL A 29 12.97 -8.70 -5.12
CA VAL A 29 12.08 -7.62 -4.68
C VAL A 29 10.99 -7.55 -5.73
N THR A 30 11.38 -7.39 -7.02
CA THR A 30 10.47 -7.33 -8.17
C THR A 30 11.23 -7.45 -9.47
N ASP A 31 10.59 -8.04 -10.48
CA ASP A 31 11.14 -8.16 -11.84
C ASP A 31 10.71 -6.90 -12.66
N GLN A 32 9.55 -6.33 -12.31
CA GLN A 32 9.01 -5.11 -12.92
C GLN A 32 9.53 -3.91 -12.10
N LEU A 33 10.74 -3.44 -12.45
CA LEU A 33 11.42 -2.34 -11.79
C LEU A 33 10.69 -1.01 -11.90
N PRO A 34 10.64 -0.20 -10.80
CA PRO A 34 10.03 1.13 -10.91
C PRO A 34 10.83 2.08 -11.79
N GLU A 35 10.23 3.23 -12.11
CA GLU A 35 10.82 4.29 -12.93
C GLU A 35 12.04 4.90 -12.20
N GLY A 36 11.94 5.01 -10.88
CA GLY A 36 12.96 5.55 -9.98
C GLY A 36 12.42 5.64 -8.56
N VAL A 37 13.24 6.19 -7.63
CA VAL A 37 12.86 6.33 -6.22
C VAL A 37 13.11 7.73 -5.69
N ARG A 38 12.43 8.08 -4.59
CA ARG A 38 12.61 9.34 -3.87
C ARG A 38 13.24 9.02 -2.54
N VAL A 39 14.25 9.81 -2.12
CA VAL A 39 14.99 9.60 -0.88
C VAL A 39 14.85 10.84 -0.03
N ILE A 40 14.36 10.69 1.22
CA ILE A 40 14.25 11.87 2.08
C ILE A 40 14.97 11.60 3.37
N PHE A 41 15.80 12.57 3.76
CA PHE A 41 16.59 12.55 4.98
C PHE A 41 16.02 13.58 5.96
N TYR A 42 15.31 13.13 7.01
CA TYR A 42 14.75 14.08 7.97
C TYR A 42 15.76 14.26 9.11
N PRO A 43 16.29 15.49 9.30
CA PRO A 43 17.26 15.69 10.39
C PRO A 43 16.56 15.61 11.74
N LYS A 44 17.23 14.97 12.72
CA LYS A 44 16.72 14.84 14.08
C LYS A 44 17.14 16.07 14.93
N ASN A 45 18.41 16.50 14.77
CA ASN A 45 18.98 17.67 15.45
C ASN A 45 18.37 18.97 14.90
N GLY A 46 18.50 19.16 13.58
CA GLY A 46 18.09 20.33 12.81
C GLY A 46 16.63 20.73 12.75
N ASP A 47 16.42 22.05 12.54
CA ASP A 47 15.13 22.75 12.46
C ASP A 47 14.44 22.59 11.07
N GLY A 48 14.27 21.33 10.62
CA GLY A 48 13.59 20.97 9.38
C GLY A 48 14.38 21.04 8.08
N ARG A 49 15.73 20.83 8.15
CA ARG A 49 16.67 20.82 7.01
C ARG A 49 16.63 19.41 6.27
N LYS A 50 15.47 19.11 5.65
CA LYS A 50 15.26 17.85 4.96
C LYS A 50 15.96 17.84 3.60
N VAL A 51 16.84 16.84 3.40
CA VAL A 51 17.59 16.59 2.18
C VAL A 51 16.77 15.57 1.40
N ASP A 52 16.29 16.01 0.26
CA ASP A 52 15.37 15.31 -0.64
C ASP A 52 16.00 15.14 -2.00
N LYS A 53 15.86 13.95 -2.60
CA LYS A 53 16.38 13.69 -3.95
C LYS A 53 15.66 12.53 -4.65
N TYR A 54 15.43 12.67 -5.97
CA TYR A 54 14.88 11.63 -6.83
C TYR A 54 16.08 10.99 -7.48
N LEU A 55 16.12 9.63 -7.47
CA LEU A 55 17.24 8.83 -7.93
C LEU A 55 16.85 7.77 -8.94
N SER A 56 17.87 7.23 -9.66
CA SER A 56 17.73 6.13 -10.61
C SER A 56 17.24 4.89 -9.86
N VAL A 57 16.56 3.96 -10.54
CA VAL A 57 16.10 2.77 -9.84
C VAL A 57 17.29 2.02 -9.16
N ARG A 58 18.52 2.19 -9.66
CA ARG A 58 19.74 1.55 -9.14
C ARG A 58 20.41 2.38 -8.03
N GLY A 59 19.89 3.57 -7.77
CA GLY A 59 20.42 4.49 -6.77
C GLY A 59 21.27 5.56 -7.39
N GLY A 60 22.19 6.11 -6.61
CA GLY A 60 23.11 7.14 -7.06
C GLY A 60 23.72 8.00 -5.98
N GLU A 61 24.55 8.97 -6.39
CA GLU A 61 25.21 9.93 -5.50
C GLU A 61 24.20 10.98 -5.02
N MSE A 62 24.38 11.45 -3.77
CA MSE A 62 23.51 12.41 -3.10
C MSE A 62 24.29 13.12 -2.00
O MSE A 62 24.90 12.46 -1.16
CB MSE A 62 22.34 11.63 -2.51
CG MSE A 62 21.22 12.47 -1.98
SE MSE A 62 19.90 11.33 -1.13
CE MSE A 62 19.49 10.28 -2.59
N LYS A 63 24.32 14.46 -1.99
CA LYS A 63 25.15 15.13 -0.98
C LYS A 63 24.34 15.49 0.27
N VAL A 64 24.55 14.67 1.30
CA VAL A 64 23.95 14.77 2.62
C VAL A 64 24.98 15.40 3.56
N PRO A 65 24.65 16.49 4.28
CA PRO A 65 25.62 17.03 5.25
C PRO A 65 25.68 16.13 6.50
N PRO A 66 26.75 16.13 7.33
CA PRO A 66 26.75 15.21 8.49
C PRO A 66 25.66 15.54 9.53
N GLY A 67 25.24 14.51 10.27
CA GLY A 67 24.22 14.62 11.30
C GLY A 67 23.38 13.37 11.46
N ARG A 68 22.49 13.36 12.47
CA ARG A 68 21.54 12.28 12.75
C ARG A 68 20.27 12.53 11.96
N TYR A 69 19.82 11.51 11.21
CA TYR A 69 18.61 11.57 10.38
C TYR A 69 17.68 10.38 10.54
N SER A 70 16.50 10.53 9.98
CA SER A 70 15.50 9.49 9.78
C SER A 70 15.41 9.40 8.26
N VAL A 71 15.40 8.20 7.66
CA VAL A 71 15.40 8.15 6.18
C VAL A 71 14.17 7.42 5.64
N VAL A 72 13.71 7.83 4.44
CA VAL A 72 12.63 7.15 3.71
C VAL A 72 13.03 7.00 2.24
N VAL A 73 12.75 5.84 1.65
CA VAL A 73 13.01 5.59 0.23
C VAL A 73 11.80 4.89 -0.31
N TYR A 74 11.14 5.49 -1.30
CA TYR A 74 9.98 4.85 -1.89
C TYR A 74 9.97 5.11 -3.40
N ASN A 75 9.23 4.30 -4.17
CA ASN A 75 9.13 4.49 -5.62
C ASN A 75 8.10 5.59 -5.90
N TYR A 76 8.49 6.57 -6.72
CA TYR A 76 7.64 7.72 -6.93
C TYR A 76 6.53 7.48 -7.91
N ASN A 77 6.78 6.85 -9.08
CA ASN A 77 5.74 6.77 -10.09
C ASN A 77 4.77 5.64 -9.87
N THR A 78 3.58 5.97 -9.30
CA THR A 78 2.48 5.04 -9.00
C THR A 78 1.17 5.61 -9.47
N GLU A 79 0.26 4.73 -9.89
CA GLU A 79 -1.07 5.06 -10.38
C GLU A 79 -2.02 5.46 -9.27
N SER A 80 -2.49 4.47 -8.52
CA SER A 80 -3.48 4.57 -7.47
C SER A 80 -2.95 5.29 -6.25
N ILE A 81 -1.69 4.99 -5.88
CA ILE A 81 -1.03 5.50 -4.67
C ILE A 81 -0.64 6.93 -4.82
N ARG A 82 -1.00 7.69 -3.80
CA ARG A 82 -0.69 9.10 -3.62
C ARG A 82 0.09 9.25 -2.29
N ILE A 83 0.90 10.30 -2.17
CA ILE A 83 1.70 10.59 -0.97
C ILE A 83 1.21 11.89 -0.38
N ARG A 84 1.07 11.88 0.96
CA ARG A 84 0.74 13.05 1.78
C ARG A 84 1.65 13.04 3.03
N GLY A 85 1.74 14.18 3.72
CA GLY A 85 2.51 14.35 4.94
C GLY A 85 4.02 14.22 4.81
N GLU A 86 4.55 14.48 3.61
CA GLU A 86 5.98 14.35 3.29
C GLU A 86 6.88 15.38 4.06
N GLU A 87 6.26 16.31 4.80
CA GLU A 87 6.96 17.34 5.57
C GLU A 87 7.70 16.74 6.81
N SER A 88 7.18 15.63 7.37
CA SER A 88 7.77 14.97 8.54
C SER A 88 7.84 13.46 8.37
N TYR A 89 8.91 12.84 8.91
CA TYR A 89 9.08 11.38 8.90
C TYR A 89 7.83 10.73 9.53
N GLU A 90 7.41 11.25 10.70
CA GLU A 90 6.26 10.75 11.48
C GLU A 90 4.90 10.93 10.76
N THR A 91 4.81 11.71 9.66
CA THR A 91 3.54 11.93 8.97
C THR A 91 3.46 11.42 7.51
N ILE A 92 4.62 11.17 6.84
CA ILE A 92 4.64 10.75 5.43
C ILE A 92 3.87 9.41 5.30
N GLU A 93 2.72 9.50 4.61
CA GLU A 93 1.71 8.47 4.44
C GLU A 93 1.41 8.23 2.96
N ALA A 94 1.23 6.98 2.59
CA ALA A 94 0.84 6.56 1.24
C ALA A 94 -0.64 6.20 1.30
N TYR A 95 -1.43 6.72 0.36
CA TYR A 95 -2.88 6.49 0.39
C TYR A 95 -3.42 6.34 -1.02
N THR A 96 -4.70 5.97 -1.15
CA THR A 96 -5.35 5.88 -2.46
C THR A 96 -6.52 6.84 -2.55
N GLY A 97 -6.89 7.22 -3.77
CA GLY A 97 -8.02 8.12 -3.95
C GLY A 97 -9.37 7.43 -3.75
N ASN A 98 -10.44 8.23 -3.54
CA ASN A 98 -11.79 7.66 -3.47
C ASN A 98 -12.26 7.35 -4.90
N CYS A 99 -13.01 6.23 -5.11
CA CYS A 99 -13.47 5.79 -6.44
C CYS A 99 -14.42 6.80 -7.02
N ASN A 100 -13.93 7.50 -8.01
CA ASN A 100 -14.71 8.52 -8.65
C ASN A 100 -15.04 8.05 -10.02
N GLY A 101 -16.19 8.51 -10.51
CA GLY A 101 -16.65 8.21 -11.86
C GLY A 101 -17.14 6.82 -12.15
N LEU A 102 -17.38 6.02 -11.11
CA LEU A 102 -17.96 4.72 -11.33
C LEU A 102 -19.48 4.87 -11.27
N GLY A 103 -20.19 4.11 -12.09
CA GLY A 103 -21.65 4.17 -12.19
C GLY A 103 -22.48 3.48 -11.12
N ILE A 104 -21.85 2.71 -10.20
CA ILE A 104 -22.56 1.97 -9.14
C ILE A 104 -22.64 2.80 -7.84
N GLU A 105 -23.86 2.90 -7.24
CA GLU A 105 -24.12 3.62 -6.01
C GLU A 105 -23.25 3.12 -4.90
N GLY A 106 -22.66 4.03 -4.15
CA GLY A 106 -21.84 3.72 -2.98
C GLY A 106 -20.35 3.56 -3.21
N THR A 107 -19.90 3.56 -4.48
CA THR A 107 -18.48 3.42 -4.82
C THR A 107 -17.70 4.68 -4.42
N GLU A 108 -18.38 5.83 -4.31
CA GLU A 108 -17.78 7.09 -3.90
C GLU A 108 -17.22 7.01 -2.45
N LYS A 109 -17.83 6.16 -1.61
CA LYS A 109 -17.44 5.97 -0.22
C LYS A 109 -16.20 5.04 -0.13
N MSE A 110 -15.85 4.38 -1.24
CA MSE A 110 -14.74 3.44 -1.36
C MSE A 110 -13.48 4.10 -1.94
O MSE A 110 -13.55 5.16 -2.57
CB MSE A 110 -15.13 2.28 -2.27
CG MSE A 110 -16.39 1.57 -1.85
SE MSE A 110 -16.83 0.17 -3.13
CE MSE A 110 -18.60 -0.32 -2.50
N VAL A 111 -12.32 3.44 -1.75
CA VAL A 111 -10.99 3.84 -2.23
C VAL A 111 -10.40 2.77 -3.18
N TRP A 112 -9.50 3.17 -4.07
CA TRP A 112 -8.89 2.25 -5.02
C TRP A 112 -7.89 1.33 -4.37
N SER A 113 -7.67 0.12 -4.94
CA SER A 113 -6.66 -0.83 -4.43
C SER A 113 -5.27 -0.27 -4.73
N PRO A 114 -4.35 -0.35 -3.75
CA PRO A 114 -3.03 0.24 -3.95
C PRO A 114 -2.18 -0.54 -4.94
N ASP A 115 -1.47 0.17 -5.85
CA ASP A 115 -0.57 -0.50 -6.80
C ASP A 115 0.76 -0.78 -6.08
N SER A 116 1.81 -1.29 -6.76
CA SER A 116 3.00 -1.68 -6.04
C SER A 116 3.80 -0.51 -5.45
N LEU A 117 4.08 -0.63 -4.13
CA LEU A 117 4.89 0.35 -3.36
C LEU A 117 6.02 -0.40 -2.67
N TYR A 118 7.24 0.16 -2.79
CA TYR A 118 8.47 -0.37 -2.23
C TYR A 118 9.02 0.64 -1.27
N VAL A 119 9.19 0.26 -0.02
CA VAL A 119 9.61 1.20 1.01
C VAL A 119 10.81 0.68 1.78
N LEU A 120 11.66 1.63 2.19
CA LEU A 120 12.73 1.49 3.15
C LEU A 120 12.61 2.66 4.12
N ASN A 121 12.54 2.36 5.42
CA ASN A 121 12.50 3.43 6.42
C ASN A 121 13.41 3.08 7.59
N ILE A 122 14.41 3.97 7.83
CA ILE A 122 15.41 3.85 8.89
C ILE A 122 15.06 4.92 9.91
N ASP A 123 14.77 4.53 11.17
CA ASP A 123 14.41 5.50 12.21
C ASP A 123 15.60 6.39 12.56
N GLU A 124 16.84 5.82 12.58
CA GLU A 124 18.03 6.61 12.87
C GLU A 124 19.27 6.11 12.12
N LEU A 125 19.87 7.04 11.33
CA LEU A 125 21.11 6.89 10.56
C LEU A 125 22.01 8.09 10.84
N LYS A 126 23.26 7.84 11.28
CA LYS A 126 24.20 8.91 11.62
C LYS A 126 25.29 9.04 10.54
N ILE A 127 25.14 10.05 9.65
CA ILE A 127 26.13 10.34 8.61
C ILE A 127 27.26 11.11 9.28
N GLU A 128 28.44 10.50 9.35
CA GLU A 128 29.59 11.15 10.00
C GLU A 128 30.31 12.06 9.02
N LYS A 129 31.17 12.97 9.57
CA LYS A 129 32.04 13.90 8.83
C LYS A 129 33.05 13.00 8.12
N SER A 130 33.10 13.05 6.78
CA SER A 130 34.00 12.17 6.03
C SER A 130 34.59 12.84 4.80
N GLU A 131 35.85 12.48 4.51
CA GLU A 131 36.56 12.98 3.34
C GLU A 131 36.14 12.14 2.13
N GLU A 132 35.96 10.84 2.37
CA GLU A 132 35.51 9.91 1.34
C GLU A 132 33.95 9.75 1.34
N VAL A 133 33.39 9.31 0.18
CA VAL A 133 31.96 9.04 -0.09
C VAL A 133 31.45 7.84 0.76
N LEU A 134 30.38 8.02 1.55
CA LEU A 134 29.84 6.91 2.37
C LEU A 134 28.92 6.06 1.49
N ARG A 135 29.19 4.73 1.41
CA ARG A 135 28.46 3.82 0.54
C ARG A 135 27.38 3.03 1.27
N LEU A 136 26.11 3.36 0.99
CA LEU A 136 24.95 2.66 1.53
C LEU A 136 24.50 1.55 0.54
N ASP A 137 24.19 0.35 1.04
CA ASP A 137 23.70 -0.70 0.15
C ASP A 137 22.31 -1.08 0.61
N TRP A 138 21.30 -0.57 -0.08
CA TRP A 138 19.92 -0.75 0.31
C TRP A 138 19.17 -1.63 -0.64
N LYS A 139 18.07 -2.18 -0.14
CA LYS A 139 17.08 -3.05 -0.78
C LYS A 139 15.74 -2.54 -0.32
N LEU A 140 14.74 -2.47 -1.20
CA LEU A 140 13.48 -1.93 -0.71
C LEU A 140 12.53 -3.04 -0.41
N GLU A 141 11.48 -2.76 0.35
CA GLU A 141 10.54 -3.82 0.72
C GLU A 141 9.16 -3.61 0.08
N SER A 142 8.55 -4.69 -0.49
CA SER A 142 7.21 -4.57 -1.05
C SER A 142 6.24 -4.50 0.10
N VAL A 143 5.60 -3.34 0.30
CA VAL A 143 4.67 -3.14 1.40
C VAL A 143 3.19 -3.33 0.97
N VAL A 144 2.96 -3.85 -0.24
CA VAL A 144 1.60 -4.11 -0.72
C VAL A 144 1.41 -5.61 -0.89
N LYS A 145 0.43 -6.19 -0.16
CA LYS A 145 0.06 -7.61 -0.22
C LYS A 145 -1.02 -7.82 -1.31
N LYS A 146 -0.88 -8.86 -2.17
CA LYS A 146 -1.89 -9.21 -3.17
C LYS A 146 -2.81 -10.30 -2.58
N TYR A 147 -4.10 -10.23 -2.90
CA TYR A 147 -5.10 -11.21 -2.48
C TYR A 147 -5.98 -11.61 -3.68
N SER A 148 -6.52 -12.81 -3.64
CA SER A 148 -7.43 -13.35 -4.64
C SER A 148 -8.37 -14.32 -3.95
N PHE A 149 -9.58 -14.50 -4.48
CA PHE A 149 -10.53 -15.47 -3.95
C PHE A 149 -11.53 -15.87 -5.02
N ALA A 150 -12.27 -16.92 -4.72
CA ALA A 150 -13.35 -17.40 -5.56
C ALA A 150 -14.47 -17.90 -4.65
N VAL A 151 -15.72 -17.51 -4.94
CA VAL A 151 -16.82 -17.98 -4.11
C VAL A 151 -17.96 -18.39 -5.03
N GLU A 152 -18.60 -19.48 -4.67
CA GLU A 152 -19.71 -20.05 -5.40
C GLU A 152 -20.97 -19.23 -5.16
N ALA A 153 -21.71 -18.86 -6.24
CA ALA A 153 -22.95 -18.08 -6.14
C ALA A 153 -24.02 -18.52 -7.18
N LYS A 154 -25.23 -18.82 -6.68
CA LYS A 154 -26.37 -19.28 -7.48
C LYS A 154 -27.07 -18.10 -8.15
N GLY A 155 -27.55 -18.34 -9.37
CA GLY A 155 -28.31 -17.36 -10.13
C GLY A 155 -27.57 -16.13 -10.57
N LEU A 156 -26.36 -16.31 -11.09
CA LEU A 156 -25.61 -15.16 -11.56
C LEU A 156 -26.20 -14.70 -12.89
N GLU A 157 -27.06 -15.52 -13.51
CA GLU A 157 -27.73 -15.16 -14.78
C GLU A 157 -28.54 -13.88 -14.60
N TYR A 158 -28.96 -13.60 -13.36
CA TYR A 158 -29.73 -12.43 -12.97
C TYR A 158 -28.83 -11.22 -12.64
N VAL A 159 -27.50 -11.42 -12.60
CA VAL A 159 -26.60 -10.33 -12.27
C VAL A 159 -26.11 -9.61 -13.52
N ALA A 160 -26.11 -8.29 -13.47
CA ALA A 160 -25.59 -7.42 -14.52
C ALA A 160 -24.12 -7.23 -14.27
N THR A 161 -23.76 -6.79 -13.04
CA THR A 161 -22.38 -6.58 -12.61
C THR A 161 -22.25 -6.75 -11.11
N VAL A 162 -21.04 -7.14 -10.65
CA VAL A 162 -20.72 -7.33 -9.22
C VAL A 162 -19.59 -6.38 -8.82
N VAL A 163 -19.77 -5.69 -7.67
CA VAL A 163 -18.81 -4.74 -7.13
C VAL A 163 -18.37 -5.25 -5.75
N GLY A 164 -17.08 -5.58 -5.65
CA GLY A 164 -16.50 -6.03 -4.39
C GLY A 164 -15.88 -4.91 -3.59
N SER A 165 -15.88 -5.07 -2.27
CA SER A 165 -15.27 -4.16 -1.31
C SER A 165 -14.77 -4.97 -0.14
N ILE A 166 -13.66 -4.54 0.46
CA ILE A 166 -13.10 -5.23 1.60
C ILE A 166 -12.73 -4.19 2.67
N ASP A 167 -13.37 -4.36 3.82
CA ASP A 167 -13.22 -3.52 5.00
C ASP A 167 -12.29 -4.17 5.99
N GLY A 168 -11.55 -3.36 6.73
CA GLY A 168 -10.67 -3.87 7.77
C GLY A 168 -9.21 -4.04 7.42
N LEU A 169 -8.83 -3.83 6.15
CA LEU A 169 -7.44 -3.98 5.75
C LEU A 169 -6.77 -2.60 5.72
N SER A 170 -5.44 -2.56 5.62
CA SER A 170 -4.71 -1.30 5.61
C SER A 170 -4.75 -0.70 4.20
N ASP A 171 -5.49 0.41 4.06
CA ASP A 171 -5.65 1.10 2.79
C ASP A 171 -4.70 2.29 2.71
N CYS A 172 -3.96 2.52 3.82
CA CYS A 172 -2.94 3.54 3.99
C CYS A 172 -1.70 2.96 4.61
N TYR A 173 -0.54 3.54 4.33
CA TYR A 173 0.70 3.04 4.91
C TYR A 173 1.53 4.24 5.36
N CYS A 174 1.84 4.29 6.68
CA CYS A 174 2.68 5.32 7.27
C CYS A 174 4.07 4.89 7.00
N ILE A 175 4.70 5.54 5.99
CA ILE A 175 6.04 5.20 5.51
C ILE A 175 7.07 5.36 6.63
N GLY A 176 7.07 6.48 7.35
CA GLY A 176 7.99 6.67 8.45
C GLY A 176 7.74 5.77 9.65
N LYS A 177 6.47 5.45 9.92
CA LYS A 177 6.07 4.63 11.07
C LYS A 177 6.24 3.12 10.76
N GLY A 178 6.27 2.77 9.47
CA GLY A 178 6.43 1.38 9.00
C GLY A 178 5.24 0.50 9.32
N ARG A 179 4.05 1.09 9.35
CA ARG A 179 2.80 0.43 9.67
C ARG A 179 1.71 0.83 8.70
N GLY A 180 0.81 -0.10 8.43
CA GLY A 180 -0.37 0.16 7.62
C GLY A 180 -1.46 0.67 8.53
N VAL A 181 -2.39 1.48 8.00
CA VAL A 181 -3.50 2.00 8.78
C VAL A 181 -4.80 1.90 7.95
N CYS A 182 -5.91 1.62 8.65
CA CYS A 182 -7.23 1.44 8.06
C CYS A 182 -8.06 2.69 8.28
N SER A 183 -8.49 3.30 7.18
CA SER A 183 -9.25 4.53 7.23
C SER A 183 -10.73 4.29 7.40
N SER A 184 -11.15 3.03 7.52
CA SER A 184 -12.55 2.61 7.66
C SER A 184 -13.35 2.85 6.33
N GLN A 185 -12.62 3.20 5.25
CA GLN A 185 -13.11 3.33 3.89
C GLN A 185 -12.80 2.03 3.14
N PRO A 186 -13.79 1.34 2.57
CA PRO A 186 -13.52 0.04 1.92
C PRO A 186 -12.68 0.13 0.65
N ILE A 187 -11.86 -0.91 0.41
CA ILE A 187 -11.09 -0.99 -0.83
C ILE A 187 -12.00 -1.61 -1.88
N TYR A 188 -12.18 -0.95 -3.00
CA TYR A 188 -12.99 -1.46 -4.07
C TYR A 188 -12.21 -2.35 -4.96
N PHE A 189 -12.88 -3.36 -5.51
CA PHE A 189 -12.29 -4.25 -6.50
C PHE A 189 -13.39 -4.78 -7.42
N GLU A 190 -13.05 -5.02 -8.68
CA GLU A 190 -13.98 -5.60 -9.63
C GLU A 190 -14.04 -7.08 -9.37
N VAL A 191 -15.20 -7.68 -9.72
CA VAL A 191 -15.49 -9.12 -9.54
C VAL A 191 -15.88 -9.71 -10.89
N LYS A 192 -15.21 -10.79 -11.30
CA LYS A 192 -15.42 -11.53 -12.55
C LYS A 192 -16.53 -12.54 -12.29
N LYS A 193 -17.61 -12.50 -13.08
CA LYS A 193 -18.65 -13.46 -12.79
C LYS A 193 -18.61 -14.62 -13.77
N GLY A 194 -18.60 -15.82 -13.22
CA GLY A 194 -18.71 -17.05 -14.00
C GLY A 194 -20.19 -17.39 -14.17
N ASP A 195 -20.51 -18.70 -14.16
CA ASP A 195 -21.91 -19.17 -14.24
C ASP A 195 -22.39 -19.59 -12.83
N ASN A 196 -21.45 -20.19 -12.04
CA ASN A 196 -21.69 -20.67 -10.68
C ASN A 196 -20.68 -20.12 -9.67
N LYS A 197 -19.64 -19.41 -10.13
CA LYS A 197 -18.56 -18.83 -9.30
C LYS A 197 -18.40 -17.36 -9.56
N VAL A 198 -17.71 -16.66 -8.65
CA VAL A 198 -17.29 -15.26 -8.81
C VAL A 198 -15.85 -15.20 -8.35
N THR A 199 -14.98 -14.61 -9.17
CA THR A 199 -13.56 -14.54 -8.90
C THR A 199 -13.13 -13.09 -8.81
N ALA A 200 -12.30 -12.74 -7.84
CA ALA A 200 -11.83 -11.36 -7.70
C ALA A 200 -10.40 -11.31 -7.18
N PHE A 201 -9.72 -10.19 -7.48
CA PHE A 201 -8.34 -9.91 -7.11
C PHE A 201 -8.27 -8.53 -6.51
N PHE A 202 -7.52 -8.37 -5.42
CA PHE A 202 -7.38 -7.06 -4.79
C PHE A 202 -6.06 -7.00 -4.02
N THR A 203 -5.72 -5.79 -3.52
CA THR A 203 -4.49 -5.56 -2.78
C THR A 203 -4.75 -4.65 -1.59
N ALA A 204 -3.84 -4.69 -0.61
CA ALA A 204 -3.87 -3.85 0.57
C ALA A 204 -2.45 -3.69 1.10
N PHE A 205 -2.19 -2.64 1.90
CA PHE A 205 -0.88 -2.47 2.50
C PHE A 205 -0.68 -3.49 3.59
N LYS A 206 0.60 -3.84 3.84
CA LYS A 206 1.02 -4.72 4.95
C LYS A 206 0.61 -4.07 6.27
N GLN A 207 0.19 -4.86 7.26
CA GLN A 207 -0.20 -4.27 8.55
C GLN A 207 1.04 -3.64 9.22
N VAL A 208 2.18 -4.35 9.08
CA VAL A 208 3.48 -3.94 9.58
C VAL A 208 4.58 -4.40 8.64
N LYS A 209 5.59 -3.49 8.47
CA LYS A 209 6.91 -3.64 7.87
C LYS A 209 7.48 -5.02 8.32
N GLU A 210 7.99 -5.79 7.37
CA GLU A 210 8.54 -7.11 7.65
C GLU A 210 10.06 -7.05 7.60
N MSE A 211 10.68 -5.95 7.05
CA MSE A 211 12.14 -5.88 6.98
C MSE A 211 12.78 -5.87 8.40
O MSE A 211 12.26 -5.23 9.32
CB MSE A 211 12.62 -4.70 6.16
CG MSE A 211 14.13 -4.66 5.90
SE MSE A 211 14.70 -3.06 4.94
CE MSE A 211 14.11 -3.58 3.19
N THR A 212 13.86 -6.64 8.54
CA THR A 212 14.62 -6.75 9.77
C THR A 212 15.62 -5.61 9.82
N MSE A 213 15.57 -4.85 10.95
CA MSE A 213 16.37 -3.68 11.30
C MSE A 213 17.25 -4.10 12.45
O MSE A 213 16.79 -4.14 13.61
CB MSE A 213 15.46 -2.51 11.65
CG MSE A 213 14.28 -2.33 10.69
SE MSE A 213 14.76 -2.03 8.80
CE MSE A 213 15.72 -0.30 8.91
N PRO A 214 18.44 -4.63 12.13
CA PRO A 214 19.25 -5.32 13.16
C PRO A 214 19.84 -4.42 14.23
N THR A 215 19.88 -3.19 13.90
CA THR A 215 20.44 -2.08 14.59
C THR A 215 19.36 -1.29 15.39
N ARG A 216 18.06 -1.42 15.02
CA ARG A 216 16.95 -0.70 15.67
C ARG A 216 16.78 -1.15 17.10
N MSE A 217 16.89 -0.19 18.03
CA MSE A 217 16.76 -0.42 19.45
C MSE A 217 15.62 0.36 20.09
O MSE A 217 15.68 1.59 20.17
CB MSE A 217 18.06 -0.09 20.16
CG MSE A 217 19.10 -1.12 19.93
SE MSE A 217 20.81 -0.53 20.52
CE MSE A 217 21.27 0.69 19.00
N SER A 218 14.58 -0.37 20.53
CA SER A 218 13.39 0.17 21.18
C SER A 218 13.49 0.03 22.69
N THR A 219 12.97 1.03 23.41
CA THR A 219 12.94 1.05 24.88
C THR A 219 11.51 0.76 25.36
N SER A 220 10.52 0.90 24.46
CA SER A 220 9.12 0.63 24.72
C SER A 220 8.81 -0.84 24.45
N GLU A 221 8.04 -1.49 25.36
CA GLU A 221 7.62 -2.90 25.26
C GLU A 221 6.80 -3.13 23.96
N ARG A 222 7.26 -4.11 23.15
CA ARG A 222 6.82 -4.53 21.81
C ARG A 222 5.29 -4.54 21.61
N GLU A 223 4.85 -4.01 20.44
CA GLU A 223 3.44 -3.82 20.04
C GLU A 223 2.90 -4.96 19.12
N THR A 224 1.66 -5.46 19.45
CA THR A 224 0.88 -6.53 18.78
C THR A 224 -0.66 -6.20 18.82
N SER A 225 -1.25 -5.66 17.70
CA SER A 225 -2.69 -5.32 17.62
C SER A 225 -3.29 -5.52 16.18
N SER A 226 -3.44 -6.82 15.78
CA SER A 226 -4.01 -7.29 14.50
C SER A 226 -5.50 -7.70 14.66
N GLU A 227 -5.78 -8.46 15.76
CA GLU A 227 -7.05 -9.05 16.25
C GLU A 227 -8.14 -8.01 16.55
N LYS A 228 -7.74 -6.75 16.87
CA LYS A 228 -8.63 -5.61 17.14
C LYS A 228 -9.13 -4.99 15.78
N GLY A 229 -9.60 -5.87 14.88
CA GLY A 229 -10.09 -5.51 13.55
C GLY A 229 -10.72 -6.66 12.79
N ALA A 230 -12.00 -6.52 12.43
CA ALA A 230 -12.76 -7.51 11.67
C ALA A 230 -12.58 -7.26 10.19
N ILE A 231 -12.43 -8.33 9.39
CA ILE A 231 -12.22 -8.20 7.96
C ILE A 231 -13.45 -8.69 7.23
N ILE A 232 -14.16 -7.77 6.56
CA ILE A 232 -15.40 -8.10 5.88
C ILE A 232 -15.35 -7.83 4.36
N LEU A 233 -15.66 -8.89 3.62
CA LEU A 233 -15.79 -8.93 2.18
C LEU A 233 -17.25 -8.68 1.86
N ILE A 234 -17.53 -7.72 0.94
CA ILE A 234 -18.89 -7.36 0.56
C ILE A 234 -19.03 -7.51 -0.93
N LEU A 235 -19.99 -8.31 -1.36
CA LEU A 235 -20.25 -8.49 -2.77
C LEU A 235 -21.57 -7.80 -3.11
N LYS A 236 -21.48 -6.71 -3.90
CA LYS A 236 -22.66 -5.93 -4.28
C LYS A 236 -23.14 -6.41 -5.64
N PHE A 237 -24.21 -7.22 -5.67
CA PHE A 237 -24.71 -7.72 -6.94
C PHE A 237 -25.71 -6.76 -7.50
N ILE A 238 -25.40 -6.17 -8.67
CA ILE A 238 -26.34 -5.31 -9.39
C ILE A 238 -27.13 -6.23 -10.32
N LYS A 239 -28.43 -6.39 -10.08
CA LYS A 239 -29.28 -7.28 -10.86
C LYS A 239 -29.59 -6.71 -12.29
N THR A 240 -30.25 -7.51 -13.16
CA THR A 240 -30.55 -7.10 -14.53
C THR A 240 -31.58 -5.99 -14.55
N ASP A 241 -32.31 -5.78 -13.45
CA ASP A 241 -33.29 -4.70 -13.36
C ASP A 241 -32.71 -3.51 -12.56
N ASN A 242 -31.38 -3.53 -12.33
CA ASN A 242 -30.61 -2.51 -11.60
C ASN A 242 -30.95 -2.50 -10.10
N THR A 243 -31.42 -3.63 -9.58
CA THR A 243 -31.75 -3.83 -8.18
C THR A 243 -30.49 -4.26 -7.51
N VAL A 244 -30.37 -4.09 -6.21
CA VAL A 244 -29.13 -4.56 -5.64
C VAL A 244 -29.43 -5.53 -4.49
N GLN A 245 -28.60 -6.59 -4.46
CA GLN A 245 -28.56 -7.66 -3.47
C GLN A 245 -27.12 -7.78 -3.00
N GLU A 246 -26.89 -7.66 -1.70
CA GLU A 246 -25.55 -7.71 -1.15
C GLU A 246 -25.30 -8.99 -0.37
N ALA A 247 -24.03 -9.41 -0.35
CA ALA A 247 -23.59 -10.55 0.43
C ALA A 247 -22.36 -10.11 1.22
N THR A 248 -22.51 -10.15 2.54
CA THR A 248 -21.48 -9.75 3.49
C THR A 248 -20.83 -11.06 4.03
N ILE A 249 -19.49 -11.24 3.84
CA ILE A 249 -18.72 -12.40 4.31
C ILE A 249 -17.62 -11.94 5.24
N ASP A 250 -17.50 -12.59 6.41
CA ASP A 250 -16.49 -12.33 7.42
C ASP A 250 -15.32 -13.26 7.13
N VAL A 251 -14.23 -12.69 6.59
CA VAL A 251 -13.04 -13.43 6.22
C VAL A 251 -11.92 -13.24 7.24
N THR A 252 -12.22 -12.64 8.43
CA THR A 252 -11.20 -12.39 9.45
C THR A 252 -10.33 -13.64 9.70
N GLU A 253 -10.92 -14.82 9.97
CA GLU A 253 -10.08 -15.99 10.26
C GLU A 253 -9.39 -16.61 9.03
N ILE A 254 -9.82 -16.30 7.79
CA ILE A 254 -9.21 -16.92 6.62
C ILE A 254 -8.47 -15.94 5.73
N ILE A 255 -8.33 -14.68 6.15
CA ILE A 255 -7.73 -13.66 5.28
C ILE A 255 -6.33 -14.10 4.74
N GLY A 256 -5.51 -14.76 5.56
CA GLY A 256 -4.20 -15.24 5.15
C GLY A 256 -4.25 -16.28 4.02
N THR A 257 -5.32 -17.10 4.00
CA THR A 257 -5.56 -18.13 2.98
C THR A 257 -5.64 -17.50 1.57
N LEU A 258 -6.15 -16.23 1.51
CA LEU A 258 -6.40 -15.47 0.30
C LEU A 258 -5.15 -14.77 -0.27
N GLU A 259 -4.10 -14.55 0.55
CA GLU A 259 -2.85 -13.94 0.07
C GLU A 259 -2.20 -14.81 -1.03
N ASN A 260 -1.41 -14.21 -1.95
CA ASN A 260 -0.68 -15.03 -2.93
C ASN A 260 0.67 -14.38 -3.27
N LYS A 268 3.19 -20.65 -14.73
CA LYS A 268 1.77 -20.99 -14.58
C LYS A 268 1.19 -20.41 -13.26
N PRO A 269 0.14 -19.52 -13.29
CA PRO A 269 -0.41 -18.97 -12.02
C PRO A 269 -1.31 -19.98 -11.27
N THR A 270 -1.75 -19.59 -10.05
CA THR A 270 -2.58 -20.46 -9.20
C THR A 270 -4.04 -19.95 -9.21
N PRO A 271 -5.02 -20.88 -9.37
CA PRO A 271 -6.43 -20.49 -9.31
C PRO A 271 -6.75 -19.92 -7.94
N PRO A 272 -7.65 -18.92 -7.86
CA PRO A 272 -7.90 -18.27 -6.57
C PRO A 272 -8.53 -19.22 -5.57
N PRO A 273 -8.13 -19.07 -4.28
CA PRO A 273 -8.67 -19.94 -3.23
C PRO A 273 -10.18 -19.87 -3.08
N GLU A 274 -10.87 -21.03 -2.95
CA GLU A 274 -12.31 -21.00 -2.75
C GLU A 274 -12.66 -20.62 -1.30
N ILE A 275 -13.60 -19.70 -1.16
CA ILE A 275 -14.18 -19.33 0.11
C ILE A 275 -15.41 -20.24 0.22
N GLU A 276 -15.25 -21.32 0.98
CA GLU A 276 -16.30 -22.29 1.24
C GLU A 276 -17.29 -21.70 2.23
N LEU A 277 -18.59 -21.84 1.94
CA LEU A 277 -19.64 -21.31 2.78
C LEU A 277 -20.46 -22.45 3.34
N PRO A 278 -20.98 -22.36 4.60
CA PRO A 278 -21.88 -23.44 5.06
C PRO A 278 -23.11 -23.52 4.15
N PRO A 279 -23.83 -24.67 4.04
CA PRO A 279 -24.97 -24.73 3.10
C PRO A 279 -26.11 -23.77 3.49
N ASP A 280 -26.05 -23.33 4.75
CA ASP A 280 -26.90 -22.35 5.41
C ASP A 280 -26.68 -20.93 4.82
N ASP A 281 -25.40 -20.51 4.67
CA ASP A 281 -24.99 -19.18 4.18
C ASP A 281 -24.64 -19.15 2.67
N LYS A 282 -25.18 -20.08 1.86
CA LYS A 282 -24.86 -20.13 0.43
C LYS A 282 -25.29 -18.85 -0.28
N ILE A 283 -24.50 -18.33 -1.25
CA ILE A 283 -24.94 -17.09 -1.91
C ILE A 283 -25.94 -17.44 -3.02
N GLU A 284 -27.12 -16.85 -2.95
CA GLU A 284 -28.11 -17.04 -4.01
C GLU A 284 -28.69 -15.71 -4.41
N VAL A 285 -28.61 -15.37 -5.70
CA VAL A 285 -29.22 -14.16 -6.25
C VAL A 285 -30.66 -14.53 -6.64
N ASP A 286 -31.64 -13.83 -6.05
CA ASP A 286 -33.04 -14.09 -6.31
C ASP A 286 -33.47 -13.42 -7.59
N LYS A 287 -34.20 -14.17 -8.45
CA LYS A 287 -34.73 -13.71 -9.74
C LYS A 287 -35.39 -12.35 -9.55
N PRO A 288 -35.09 -11.35 -10.41
CA PRO A 288 -35.72 -10.03 -10.23
C PRO A 288 -37.23 -10.13 -10.30
N GLU A 289 -37.91 -9.31 -9.48
CA GLU A 289 -39.37 -9.24 -9.41
C GLU A 289 -39.97 -8.86 -10.75
N THR A 290 -41.23 -9.22 -10.92
CA THR A 290 -41.94 -8.96 -12.16
C THR A 290 -43.25 -8.20 -11.88
N PRO A 291 -43.65 -7.25 -12.79
CA PRO A 291 -44.90 -6.47 -12.59
C PRO A 291 -46.14 -7.33 -12.29
S SO4 B . 8.59 -6.90 25.91
O1 SO4 B . 9.30 -5.72 26.41
O2 SO4 B . 9.45 -7.61 24.96
O3 SO4 B . 8.25 -7.78 27.03
O4 SO4 B . 7.36 -6.46 25.23
S SO4 C . 22.95 16.69 -5.02
O1 SO4 C . 23.32 18.11 -5.04
O2 SO4 C . 22.14 16.39 -6.20
O3 SO4 C . 24.16 15.86 -5.05
O4 SO4 C . 22.19 16.42 -3.78
S SO4 D . 5.91 -7.81 -8.74
O1 SO4 D . 5.03 -6.97 -9.56
O2 SO4 D . 7.12 -8.16 -9.47
O3 SO4 D . 6.26 -7.08 -7.50
O4 SO4 D . 5.21 -9.05 -8.38
S SO4 E . 7.47 -0.93 17.97
O1 SO4 E . 7.87 -0.67 16.60
O2 SO4 E . 7.24 -2.37 18.18
O3 SO4 E . 8.51 -0.46 18.90
O4 SO4 E . 6.22 -0.21 18.24
S SO4 F . 11.26 3.80 21.19
O1 SO4 F . 10.39 4.96 21.41
O2 SO4 F . 11.10 3.33 19.80
O3 SO4 F . 12.66 4.19 21.42
O4 SO4 F . 10.90 2.73 22.11
S SO4 G . 1.31 16.94 1.86
O1 SO4 G . 2.18 18.12 1.91
O2 SO4 G . 2.15 15.81 1.42
O3 SO4 G . 0.69 16.71 3.19
O4 SO4 G . 0.23 17.15 0.87
S SO4 H . -9.81 12.92 -6.57
O1 SO4 H . -8.63 13.74 -6.29
O2 SO4 H . -10.09 12.97 -8.02
O3 SO4 H . -9.57 11.52 -6.16
O4 SO4 H . -10.94 13.44 -5.81
S SO4 I . -6.55 7.95 -9.24
S SO4 I . -6.98 4.03 -11.10
O1 SO4 I . -6.22 7.52 -7.88
O1 SO4 I . -6.98 5.24 -10.26
O2 SO4 I . -5.46 8.82 -9.72
O2 SO4 I . -7.97 4.18 -12.19
O3 SO4 I . -6.65 6.79 -10.13
O3 SO4 I . -5.63 3.84 -11.65
O4 SO4 I . -7.83 8.69 -9.23
O4 SO4 I . -7.33 2.85 -10.31
S SO4 J . -18.02 -20.98 -13.64
O1 SO4 J . -17.92 -20.26 -14.92
O2 SO4 J . -18.78 -22.23 -13.79
O3 SO4 J . -16.66 -21.28 -13.11
O4 SO4 J . -18.70 -20.17 -12.65
#